data_3ST1
#
_entry.id   3ST1
#
_cell.length_a   89.480
_cell.length_b   44.210
_cell.length_c   60.170
_cell.angle_alpha   90.00
_cell.angle_beta   110.04
_cell.angle_gamma   90.00
#
_symmetry.space_group_name_H-M   'C 1 2 1'
#
loop_
_entity.id
_entity.type
_entity.pdbx_description
1 polymer 'Necrosis-and ethylene-inducing protein'
2 non-polymer 'ZINC ION'
3 non-polymer 'SODIUM ION'
4 water water
#
_entity_poly.entity_id   1
_entity_poly.type   'polypeptide(L)'
_entity_poly.pdbx_seq_one_letter_code
;SIAGTVMDHDKIAKLPASGSPLETKFQPQLHIGNGCHSYPAVDAQGNWSGGLKPTGAPSAACKDTSKAQTYVRSATFQGK
TALVYAWYMPKDEISTGIGHRHDWEGAVVFLNSDTQQIDGVAASAHGKWRKYPNPGGANIDDTHVKLQYSAEPVINSHAL
DLTDKGGDLPTLASWEGMGADARAAINERSHWGDANPPIADSLIGSSLSGAWMW
;
_entity_poly.pdbx_strand_id   A
#
loop_
_chem_comp.id
_chem_comp.type
_chem_comp.name
_chem_comp.formula
NA non-polymer 'SODIUM ION' 'Na 1'
ZN non-polymer 'ZINC ION' 'Zn 2'
#
# COMPACT_ATOMS: atom_id res chain seq x y z
N ALA A 3 19.25 2.87 17.79
CA ALA A 3 19.00 2.59 16.31
C ALA A 3 17.68 1.80 16.21
N GLY A 4 16.98 1.90 15.08
CA GLY A 4 15.82 1.02 14.81
C GLY A 4 16.17 -0.45 14.91
N THR A 5 15.21 -1.23 15.42
CA THR A 5 15.28 -2.67 15.48
C THR A 5 13.95 -3.23 14.99
N VAL A 6 13.86 -4.56 14.83
CA VAL A 6 12.57 -5.22 14.61
C VAL A 6 11.72 -5.01 15.87
N MET A 7 10.41 -4.92 15.68
CA MET A 7 9.44 -4.88 16.78
C MET A 7 8.25 -5.73 16.46
N ASP A 8 7.56 -6.21 17.50
CA ASP A 8 6.34 -7.01 17.28
C ASP A 8 5.32 -6.27 16.37
N HIS A 9 4.70 -6.98 15.43
CA HIS A 9 3.79 -6.31 14.49
C HIS A 9 2.66 -5.48 15.18
N ASP A 10 2.21 -5.91 16.40
CA ASP A 10 1.14 -5.26 17.15
C ASP A 10 1.61 -4.30 18.21
N LYS A 11 2.91 -4.02 18.24
CA LYS A 11 3.50 -3.09 19.20
C LYS A 11 4.15 -1.89 18.53
N ILE A 12 4.50 -2.04 17.26
CA ILE A 12 5.08 -0.91 16.54
C ILE A 12 4.06 0.24 16.43
N ALA A 13 4.48 1.48 16.79
CA ALA A 13 3.60 2.67 16.77
C ALA A 13 3.42 3.16 15.34
N LYS A 14 2.22 3.57 14.95
CA LYS A 14 2.08 4.10 13.62
C LYS A 14 2.72 5.49 13.39
N LEU A 15 2.97 5.77 12.13
CA LEU A 15 3.30 7.14 11.70
C LEU A 15 2.05 8.06 11.73
N PRO A 16 2.24 9.34 12.21
CA PRO A 16 1.13 10.27 12.11
C PRO A 16 0.82 10.63 10.66
N ALA A 17 -0.36 11.22 10.46
CA ALA A 17 -0.74 11.68 9.11
C ALA A 17 0.22 12.77 8.64
N SER A 18 0.77 12.63 7.45
CA SER A 18 1.66 13.64 6.88
C SER A 18 1.41 13.79 5.37
N GLY A 19 0.37 13.17 4.84
CA GLY A 19 0.05 13.34 3.42
C GLY A 19 -0.25 14.82 3.05
N SER A 20 0.17 15.24 1.86
CA SER A 20 -0.18 16.58 1.41
C SER A 20 -1.72 16.64 1.16
N PRO A 21 -2.24 17.84 0.94
CA PRO A 21 -3.67 17.92 0.64
C PRO A 21 -3.99 17.12 -0.64
N LEU A 22 -3.09 17.17 -1.60
CA LEU A 22 -3.34 16.43 -2.86
C LEU A 22 -3.29 14.90 -2.64
N GLU A 23 -2.26 14.44 -1.94
CA GLU A 23 -2.13 13.03 -1.55
C GLU A 23 -3.32 12.55 -0.75
N THR A 24 -3.78 13.39 0.19
CA THR A 24 -4.96 13.02 0.96
C THR A 24 -6.23 12.93 0.11
N LYS A 25 -6.44 13.95 -0.76
CA LYS A 25 -7.56 13.99 -1.68
C LYS A 25 -7.73 12.68 -2.53
N PHE A 26 -6.58 12.18 -3.00
CA PHE A 26 -6.62 11.10 -3.98
C PHE A 26 -6.28 9.72 -3.42
N GLN A 27 -6.20 9.61 -2.09
CA GLN A 27 -5.91 8.34 -1.47
C GLN A 27 -7.04 7.33 -1.86
N PRO A 28 -6.69 6.20 -2.46
CA PRO A 28 -7.74 5.20 -2.67
C PRO A 28 -8.32 4.73 -1.35
N GLN A 29 -9.63 4.46 -1.39
CA GLN A 29 -10.28 3.69 -0.34
C GLN A 29 -9.81 2.24 -0.47
N LEU A 30 -9.72 1.56 0.66
CA LEU A 30 -9.25 0.19 0.61
C LEU A 30 -10.21 -0.65 1.40
N HIS A 31 -10.91 -1.55 0.72
CA HIS A 31 -11.82 -2.47 1.38
C HIS A 31 -11.13 -3.80 1.56
N ILE A 32 -11.09 -4.33 2.80
CA ILE A 32 -10.48 -5.61 3.11
C ILE A 32 -11.56 -6.69 2.89
N GLY A 33 -11.46 -7.36 1.76
CA GLY A 33 -12.39 -8.45 1.47
C GLY A 33 -12.12 -9.67 2.33
N ASN A 34 -10.83 -9.98 2.49
CA ASN A 34 -10.33 -11.03 3.40
C ASN A 34 -8.83 -10.83 3.66
N GLY A 35 -8.32 -11.57 4.64
CA GLY A 35 -6.96 -11.44 5.11
C GLY A 35 -6.82 -10.30 6.09
N CYS A 36 -5.61 -9.78 6.18
CA CYS A 36 -5.24 -8.77 7.15
C CYS A 36 -5.75 -7.38 6.75
N HIS A 37 -6.03 -6.59 7.77
CA HIS A 37 -6.08 -5.17 7.62
C HIS A 37 -4.63 -4.61 7.58
N SER A 38 -4.52 -3.35 7.19
CA SER A 38 -3.22 -2.75 7.03
C SER A 38 -2.69 -2.45 8.43
N TYR A 39 -1.34 -2.49 8.56
CA TYR A 39 -0.62 -2.27 9.83
C TYR A 39 0.53 -1.34 9.55
N PRO A 40 1.12 -0.75 10.60
CA PRO A 40 2.34 0.06 10.37
C PRO A 40 3.52 -0.88 10.08
N ALA A 41 4.26 -0.61 9.00
CA ALA A 41 5.40 -1.46 8.68
C ALA A 41 6.60 -0.88 9.50
N VAL A 42 6.58 0.42 9.79
CA VAL A 42 7.73 1.13 10.41
C VAL A 42 7.23 2.21 11.37
N ASP A 43 8.09 2.66 12.29
CA ASP A 43 7.73 3.83 13.12
C ASP A 43 8.63 5.04 12.84
N ALA A 44 8.35 6.18 13.49
CA ALA A 44 9.18 7.35 13.27
C ALA A 44 10.66 7.11 13.61
N GLN A 45 10.96 6.11 14.43
CA GLN A 45 12.35 5.93 14.86
C GLN A 45 13.11 4.97 13.95
N GLY A 46 12.45 4.49 12.90
CA GLY A 46 13.04 3.47 12.05
C GLY A 46 13.00 2.04 12.53
N ASN A 47 12.19 1.73 13.56
CA ASN A 47 11.82 0.33 13.87
C ASN A 47 10.96 -0.24 12.79
N TRP A 48 10.98 -1.58 12.64
CA TRP A 48 10.25 -2.20 11.53
C TRP A 48 9.51 -3.42 12.09
N SER A 49 8.39 -3.74 11.47
CA SER A 49 7.57 -4.81 11.91
C SER A 49 8.21 -6.14 11.64
N GLY A 50 8.09 -7.04 12.60
CA GLY A 50 8.54 -8.43 12.41
C GLY A 50 7.49 -9.22 11.63
N GLY A 51 6.33 -8.63 11.36
CA GLY A 51 5.31 -9.32 10.52
C GLY A 51 4.69 -10.47 11.30
N LEU A 52 4.01 -11.36 10.57
CA LEU A 52 3.42 -12.56 11.15
C LEU A 52 3.74 -13.78 10.34
N LYS A 53 3.89 -14.93 11.04
CA LYS A 53 4.14 -16.20 10.35
C LYS A 53 2.85 -16.49 9.67
N PRO A 54 2.89 -17.02 8.43
CA PRO A 54 1.59 -17.27 7.77
C PRO A 54 0.91 -18.63 8.15
N THR A 55 0.67 -18.81 9.44
CA THR A 55 -0.08 -19.97 9.93
C THR A 55 -1.24 -19.42 10.76
N GLY A 56 -2.13 -20.29 11.19
CA GLY A 56 -3.35 -19.82 11.85
C GLY A 56 -4.30 -19.33 10.77
N ALA A 57 -5.38 -18.69 11.17
CA ALA A 57 -6.35 -18.19 10.21
C ALA A 57 -5.73 -16.98 9.44
N PRO A 58 -6.06 -16.84 8.13
CA PRO A 58 -5.47 -15.74 7.32
C PRO A 58 -5.58 -14.33 7.91
N SER A 59 -6.58 -14.06 8.77
CA SER A 59 -6.71 -12.74 9.37
C SER A 59 -6.38 -12.76 10.89
N ALA A 60 -5.94 -13.91 11.42
CA ALA A 60 -5.68 -13.96 12.87
C ALA A 60 -4.53 -13.00 13.23
N ALA A 61 -4.68 -12.28 14.33
CA ALA A 61 -3.71 -11.34 14.84
C ALA A 61 -3.45 -10.13 13.91
N CYS A 62 -4.28 -9.92 12.87
CA CYS A 62 -4.03 -8.76 12.02
C CYS A 62 -5.38 -8.16 11.56
N LYS A 63 -6.31 -8.04 12.51
CA LYS A 63 -7.61 -7.48 12.19
C LYS A 63 -7.90 -6.25 13.05
N ASP A 64 -6.89 -5.72 13.71
CA ASP A 64 -7.05 -4.52 14.55
C ASP A 64 -7.09 -3.22 13.73
N THR A 65 -8.28 -2.64 13.59
CA THR A 65 -8.44 -1.45 12.77
C THR A 65 -7.77 -0.23 13.31
N SER A 66 -7.36 -0.27 14.60
CA SER A 66 -6.69 0.92 15.16
C SER A 66 -5.25 1.04 14.65
N LYS A 67 -4.80 -0.03 13.98
CA LYS A 67 -3.39 -0.04 13.46
C LYS A 67 -3.25 0.40 12.00
N ALA A 68 -4.37 0.72 11.39
CA ALA A 68 -4.41 0.99 9.94
C ALA A 68 -3.43 2.09 9.52
N GLN A 69 -2.77 1.91 8.38
CA GLN A 69 -1.82 2.92 7.88
C GLN A 69 -1.82 2.87 6.37
N THR A 70 -1.64 4.03 5.71
CA THR A 70 -1.37 3.99 4.28
C THR A 70 -0.12 4.84 4.08
N TYR A 71 0.67 4.55 3.03
CA TYR A 71 1.85 5.40 2.69
C TYR A 71 1.62 6.01 1.34
N VAL A 72 2.29 7.10 1.06
CA VAL A 72 2.30 7.59 -0.32
C VAL A 72 3.65 8.24 -0.70
N ARG A 73 4.10 8.02 -1.94
CA ARG A 73 5.25 8.70 -2.41
C ARG A 73 4.84 9.32 -3.74
N SER A 74 5.08 10.62 -3.88
CA SER A 74 4.71 11.33 -5.09
CA SER A 74 4.72 11.34 -5.09
C SER A 74 5.91 11.38 -6.05
N ALA A 75 5.60 11.36 -7.34
CA ALA A 75 6.64 11.57 -8.34
C ALA A 75 6.01 12.36 -9.49
N THR A 76 6.80 13.11 -10.23
CA THR A 76 6.26 13.69 -11.46
C THR A 76 6.87 12.85 -12.55
N PHE A 77 6.01 12.31 -13.42
CA PHE A 77 6.46 11.21 -14.28
C PHE A 77 5.84 11.25 -15.64
N GLN A 78 6.67 11.46 -16.67
CA GLN A 78 6.24 11.53 -18.06
C GLN A 78 4.97 12.38 -18.23
N GLY A 79 4.93 13.55 -17.60
CA GLY A 79 3.85 14.47 -17.84
C GLY A 79 2.67 14.38 -16.91
N LYS A 80 2.71 13.45 -15.94
CA LYS A 80 1.59 13.29 -14.99
C LYS A 80 2.11 13.41 -13.57
N THR A 81 1.27 13.80 -12.64
CA THR A 81 1.60 13.64 -11.22
C THR A 81 1.27 12.20 -10.86
N ALA A 82 2.26 11.45 -10.39
CA ALA A 82 1.96 10.07 -9.97
C ALA A 82 2.04 9.97 -8.44
N LEU A 83 0.96 9.52 -7.83
CA LEU A 83 0.85 9.35 -6.39
C LEU A 83 0.87 7.85 -6.17
N VAL A 84 1.99 7.36 -5.64
CA VAL A 84 2.20 5.93 -5.37
C VAL A 84 1.86 5.62 -3.93
N TYR A 85 0.73 4.95 -3.73
CA TYR A 85 0.24 4.62 -2.40
C TYR A 85 0.69 3.25 -2.08
N ALA A 86 0.87 2.96 -0.78
CA ALA A 86 1.18 1.61 -0.43
C ALA A 86 0.54 1.26 0.89
N TRP A 87 0.29 -0.03 1.05
CA TRP A 87 -0.23 -0.63 2.31
C TRP A 87 0.61 -1.86 2.68
N TYR A 88 0.86 -2.02 3.99
CA TYR A 88 1.62 -3.16 4.53
C TYR A 88 0.65 -3.97 5.36
N MET A 89 0.57 -5.30 5.11
CA MET A 89 -0.13 -6.24 6.01
C MET A 89 0.92 -7.18 6.64
N PRO A 90 0.72 -7.55 7.91
CA PRO A 90 1.75 -8.40 8.54
C PRO A 90 2.00 -9.78 7.92
N LYS A 91 0.99 -10.35 7.27
CA LYS A 91 1.20 -11.61 6.53
C LYS A 91 0.32 -11.62 5.31
N ASP A 92 0.67 -12.53 4.38
CA ASP A 92 0.01 -12.70 3.10
C ASP A 92 -0.23 -14.23 3.07
N GLU A 93 -1.36 -14.69 3.64
CA GLU A 93 -1.56 -16.09 3.80
C GLU A 93 -2.79 -16.59 3.03
N ILE A 94 -2.60 -17.63 2.24
CA ILE A 94 -3.73 -18.21 1.49
C ILE A 94 -4.41 -19.25 2.36
N SER A 95 -3.62 -20.08 3.04
CA SER A 95 -4.17 -21.00 4.03
C SER A 95 -3.05 -21.32 4.98
N THR A 96 -3.36 -21.93 6.12
CA THR A 96 -2.35 -22.10 7.14
C THR A 96 -1.10 -22.75 6.52
N GLY A 97 0.04 -22.11 6.75
CA GLY A 97 1.29 -22.54 6.14
C GLY A 97 1.52 -22.26 4.65
N ILE A 98 0.56 -21.67 3.93
CA ILE A 98 0.71 -21.33 2.52
C ILE A 98 0.66 -19.83 2.38
N GLY A 99 1.79 -19.26 2.02
CA GLY A 99 1.92 -17.79 2.03
C GLY A 99 3.20 -17.29 2.64
N HIS A 100 3.22 -15.99 2.96
CA HIS A 100 4.43 -15.32 3.32
C HIS A 100 4.12 -14.44 4.48
N ARG A 101 5.15 -14.36 5.34
CA ARG A 101 5.28 -13.23 6.25
C ARG A 101 5.47 -11.93 5.45
N HIS A 102 4.77 -10.86 5.88
CA HIS A 102 4.79 -9.52 5.22
C HIS A 102 3.96 -9.48 3.96
N ASP A 103 3.42 -8.31 3.69
CA ASP A 103 2.64 -8.13 2.45
C ASP A 103 2.79 -6.66 2.15
N TRP A 104 3.33 -6.32 0.99
CA TRP A 104 3.28 -4.92 0.56
C TRP A 104 2.41 -4.77 -0.68
N GLU A 105 1.39 -3.91 -0.64
CA GLU A 105 0.54 -3.66 -1.81
C GLU A 105 0.71 -2.23 -2.26
N GLY A 106 0.31 -1.92 -3.50
CA GLY A 106 0.52 -0.58 -3.98
C GLY A 106 -0.57 -0.22 -4.97
N ALA A 107 -0.77 1.08 -5.14
CA ALA A 107 -1.69 1.63 -6.12
C ALA A 107 -1.08 2.94 -6.64
N VAL A 108 -1.11 3.12 -7.96
CA VAL A 108 -0.58 4.40 -8.49
C VAL A 108 -1.78 5.18 -9.03
N VAL A 109 -1.93 6.42 -8.52
CA VAL A 109 -2.97 7.30 -8.99
C VAL A 109 -2.28 8.30 -9.92
N PHE A 110 -2.63 8.31 -11.22
CA PHE A 110 -2.02 9.28 -12.13
C PHE A 110 -2.98 10.44 -12.38
N LEU A 111 -2.50 11.65 -12.16
CA LEU A 111 -3.26 12.85 -12.39
C LEU A 111 -2.77 13.65 -13.59
N ASN A 112 -3.75 14.21 -14.31
CA ASN A 112 -3.48 15.20 -15.36
C ASN A 112 -2.65 16.36 -14.76
N SER A 113 -1.53 16.70 -15.42
CA SER A 113 -0.69 17.88 -15.01
C SER A 113 -1.48 19.22 -14.72
N ASP A 114 -2.55 19.47 -15.47
CA ASP A 114 -3.28 20.74 -15.46
C ASP A 114 -4.56 20.60 -14.68
N THR A 115 -5.38 19.62 -15.03
CA THR A 115 -6.68 19.57 -14.38
C THR A 115 -6.60 18.94 -13.00
N GLN A 116 -5.49 18.24 -12.71
CA GLN A 116 -5.42 17.32 -11.55
C GLN A 116 -6.62 16.37 -11.53
N GLN A 117 -7.16 16.02 -12.69
CA GLN A 117 -8.15 14.95 -12.91
C GLN A 117 -7.42 13.60 -12.88
N ILE A 118 -8.09 12.52 -12.44
CA ILE A 118 -7.48 11.18 -12.53
C ILE A 118 -7.46 10.58 -13.94
N ASP A 119 -6.31 10.51 -14.57
CA ASP A 119 -6.25 9.89 -15.88
C ASP A 119 -6.24 8.39 -15.80
N GLY A 120 -5.74 7.83 -14.69
CA GLY A 120 -5.71 6.37 -14.58
C GLY A 120 -5.20 5.98 -13.18
N VAL A 121 -5.65 4.82 -12.73
CA VAL A 121 -5.11 4.20 -11.50
C VAL A 121 -4.60 2.78 -11.83
N ALA A 122 -3.53 2.38 -11.15
CA ALA A 122 -3.03 1.02 -11.30
C ALA A 122 -2.99 0.44 -9.94
N ALA A 123 -3.23 -0.88 -9.82
CA ALA A 123 -3.24 -1.57 -8.52
C ALA A 123 -2.34 -2.82 -8.59
N SER A 124 -1.64 -3.10 -7.50
CA SER A 124 -0.68 -4.22 -7.50
C SER A 124 -1.38 -5.58 -7.46
N ALA A 125 -0.91 -6.48 -8.30
CA ALA A 125 -1.38 -7.88 -8.24
C ALA A 125 -0.16 -8.78 -8.33
N HIS A 126 0.44 -8.92 -7.15
CA HIS A 126 1.70 -9.61 -6.88
C HIS A 126 2.62 -9.58 -8.07
N GLY A 127 3.36 -8.48 -8.19
CA GLY A 127 4.38 -8.37 -9.22
C GLY A 127 3.94 -7.79 -10.55
N LYS A 128 2.64 -7.69 -10.77
CA LYS A 128 2.08 -7.18 -11.99
C LYS A 128 1.25 -5.95 -11.58
N TRP A 129 0.91 -5.07 -12.52
CA TRP A 129 0.04 -3.92 -12.21
C TRP A 129 -1.18 -4.03 -13.09
N ARG A 130 -2.34 -4.06 -12.42
CA ARG A 130 -3.62 -3.95 -13.10
C ARG A 130 -3.86 -2.49 -13.41
N LYS A 131 -4.32 -2.20 -14.63
CA LYS A 131 -4.44 -0.84 -15.09
C LYS A 131 -5.85 -0.45 -15.41
N TYR A 132 -6.26 0.64 -14.77
CA TYR A 132 -7.60 1.14 -14.90
C TYR A 132 -7.60 2.57 -15.50
N PRO A 133 -7.58 2.68 -16.86
CA PRO A 133 -7.67 4.06 -17.40
C PRO A 133 -9.01 4.70 -17.06
N ASN A 134 -8.99 5.98 -16.72
CA ASN A 134 -10.26 6.72 -16.56
C ASN A 134 -11.30 6.01 -15.69
N PRO A 135 -10.96 5.75 -14.41
CA PRO A 135 -11.96 5.03 -13.61
C PRO A 135 -13.12 5.99 -13.25
N GLY A 136 -14.30 5.45 -13.00
CA GLY A 136 -15.39 6.36 -12.55
C GLY A 136 -16.55 5.56 -12.05
N GLY A 137 -17.70 6.24 -11.95
CA GLY A 137 -18.93 5.50 -11.65
C GLY A 137 -18.87 4.95 -10.24
N ALA A 138 -19.28 3.70 -10.13
CA ALA A 138 -19.30 3.00 -8.85
C ALA A 138 -17.89 2.69 -8.32
N ASN A 139 -16.85 2.97 -9.11
CA ASN A 139 -15.46 2.65 -8.69
C ASN A 139 -14.73 3.85 -8.09
N ILE A 140 -15.46 4.95 -7.89
CA ILE A 140 -14.83 6.15 -7.34
C ILE A 140 -15.82 6.78 -6.40
N ASP A 141 -15.31 7.27 -5.30
CA ASP A 141 -16.19 8.05 -4.44
C ASP A 141 -15.54 9.43 -4.31
N ASP A 142 -16.15 10.36 -5.05
CA ASP A 142 -15.63 11.70 -5.19
C ASP A 142 -14.23 11.62 -5.83
N THR A 143 -13.15 11.70 -5.05
CA THR A 143 -11.79 11.68 -5.59
C THR A 143 -11.08 10.37 -5.19
N HIS A 144 -11.77 9.50 -4.47
CA HIS A 144 -11.10 8.28 -3.92
C HIS A 144 -11.52 7.10 -4.79
N VAL A 145 -10.59 6.56 -5.59
CA VAL A 145 -10.89 5.31 -6.25
C VAL A 145 -11.05 4.22 -5.23
N LYS A 146 -11.91 3.27 -5.53
CA LYS A 146 -12.18 2.22 -4.56
C LYS A 146 -11.49 0.89 -4.92
N LEU A 147 -10.71 0.36 -3.98
CA LEU A 147 -9.89 -0.83 -4.18
C LEU A 147 -10.37 -1.88 -3.17
N GLN A 148 -10.28 -3.14 -3.58
CA GLN A 148 -10.50 -4.25 -2.63
C GLN A 148 -9.21 -5.08 -2.57
N TYR A 149 -8.85 -5.44 -1.34
CA TYR A 149 -7.76 -6.34 -1.04
C TYR A 149 -8.35 -7.71 -0.73
N SER A 150 -7.85 -8.77 -1.40
CA SER A 150 -8.35 -10.12 -1.13
C SER A 150 -7.39 -11.19 -1.60
N ALA A 151 -7.57 -12.39 -1.07
CA ALA A 151 -6.73 -13.52 -1.43
C ALA A 151 -7.07 -13.90 -2.87
N GLU A 152 -6.02 -14.14 -3.68
CA GLU A 152 -6.22 -14.56 -5.05
C GLU A 152 -5.38 -15.83 -5.29
N PRO A 153 -5.92 -16.98 -4.85
CA PRO A 153 -5.10 -18.25 -4.82
C PRO A 153 -4.46 -18.61 -6.18
N VAL A 154 -5.08 -18.20 -7.31
CA VAL A 154 -4.46 -18.50 -8.63
C VAL A 154 -3.09 -17.82 -8.79
N ILE A 155 -2.86 -16.70 -8.08
CA ILE A 155 -1.54 -16.07 -8.17
C ILE A 155 -0.71 -16.22 -6.89
N ASN A 156 -1.21 -17.08 -6.00
CA ASN A 156 -0.51 -17.47 -4.77
C ASN A 156 -0.29 -16.30 -3.81
N SER A 157 -1.22 -15.32 -3.82
CA SER A 157 -1.03 -14.14 -3.03
C SER A 157 -2.34 -13.32 -2.90
N HIS A 158 -2.28 -12.33 -2.02
CA HIS A 158 -3.30 -11.30 -1.98
C HIS A 158 -3.02 -10.33 -3.08
N ALA A 159 -4.06 -9.59 -3.45
CA ALA A 159 -3.89 -8.60 -4.50
C ALA A 159 -4.99 -7.55 -4.37
N LEU A 160 -4.76 -6.43 -5.06
CA LEU A 160 -5.72 -5.31 -5.15
C LEU A 160 -6.48 -5.36 -6.47
N ASP A 161 -7.79 -5.06 -6.43
CA ASP A 161 -8.52 -4.86 -7.68
C ASP A 161 -9.51 -3.70 -7.44
N LEU A 162 -9.97 -3.09 -8.51
CA LEU A 162 -11.02 -2.11 -8.41
C LEU A 162 -12.30 -2.77 -7.92
N THR A 163 -13.07 -2.01 -7.17
CA THR A 163 -14.28 -2.56 -6.54
C THR A 163 -15.36 -1.47 -6.58
N ASP A 164 -16.59 -1.84 -6.29
CA ASP A 164 -17.63 -0.82 -5.99
C ASP A 164 -17.90 -0.73 -4.47
N LYS A 165 -17.25 -1.56 -3.68
CA LYS A 165 -17.44 -1.51 -2.23
C LYS A 165 -16.64 -0.38 -1.59
N GLY A 166 -17.25 0.29 -0.62
CA GLY A 166 -16.58 1.37 0.12
C GLY A 166 -15.48 0.81 0.97
N GLY A 167 -14.44 1.63 1.20
CA GLY A 167 -13.25 1.11 1.86
C GLY A 167 -12.76 2.20 2.87
N ASP A 168 -11.72 1.86 3.58
CA ASP A 168 -11.14 2.73 4.57
C ASP A 168 -10.11 3.68 3.98
N LEU A 169 -9.83 4.72 4.75
CA LEU A 169 -8.80 5.68 4.37
C LEU A 169 -7.87 5.79 5.59
N PRO A 170 -6.95 4.80 5.77
CA PRO A 170 -6.12 4.87 6.98
C PRO A 170 -5.17 6.06 7.04
N THR A 171 -4.77 6.41 8.25
CA THR A 171 -3.76 7.48 8.44
C THR A 171 -2.64 7.47 7.41
N LEU A 172 -2.47 8.59 6.74
CA LEU A 172 -1.64 8.61 5.52
C LEU A 172 -0.32 9.29 5.79
N ALA A 173 0.75 8.48 5.71
CA ALA A 173 2.11 8.99 5.96
C ALA A 173 2.80 9.23 4.62
N SER A 174 3.34 10.43 4.37
CA SER A 174 4.00 10.58 3.08
C SER A 174 5.49 10.25 3.20
N TRP A 175 6.11 9.92 2.05
CA TRP A 175 7.52 9.56 1.99
C TRP A 175 8.34 10.73 2.55
N GLU A 176 7.94 11.91 2.12
CA GLU A 176 8.60 13.14 2.44
C GLU A 176 8.37 13.48 3.91
N GLY A 177 7.17 13.24 4.44
CA GLY A 177 6.84 13.62 5.81
C GLY A 177 7.24 12.63 6.87
N MET A 178 7.50 11.36 6.51
CA MET A 178 7.69 10.36 7.58
C MET A 178 9.06 10.48 8.22
N GLY A 179 9.98 11.16 7.55
CA GLY A 179 11.32 11.32 8.10
C GLY A 179 12.32 10.31 7.56
N ALA A 180 13.61 10.66 7.65
CA ALA A 180 14.64 9.76 7.21
C ALA A 180 14.70 8.38 7.85
N ASP A 181 14.44 8.22 9.15
CA ASP A 181 14.64 6.93 9.72
C ASP A 181 13.58 5.94 9.26
N ALA A 182 12.37 6.42 9.08
CA ALA A 182 11.31 5.58 8.58
C ALA A 182 11.50 5.22 7.11
N ARG A 183 11.98 6.17 6.29
CA ARG A 183 12.25 5.89 4.87
C ARG A 183 13.34 4.81 4.79
N ALA A 184 14.38 4.93 5.63
CA ALA A 184 15.49 3.93 5.64
C ALA A 184 14.93 2.56 5.97
N ALA A 185 14.01 2.49 6.94
CA ALA A 185 13.48 1.22 7.38
C ALA A 185 12.59 0.57 6.24
N ILE A 186 11.75 1.34 5.55
CA ILE A 186 11.07 0.77 4.38
C ILE A 186 12.06 0.43 3.26
N ASN A 187 13.06 1.29 3.04
CA ASN A 187 14.00 1.03 1.93
C ASN A 187 14.80 -0.23 2.12
N GLU A 188 15.03 -0.64 3.37
CA GLU A 188 15.87 -1.83 3.59
C GLU A 188 15.08 -3.07 3.15
N ARG A 189 15.31 -3.56 1.91
CA ARG A 189 14.50 -4.66 1.31
C ARG A 189 14.51 -5.96 2.14
N SER A 190 15.63 -6.19 2.86
CA SER A 190 15.76 -7.44 3.64
C SER A 190 14.92 -7.48 4.89
N HIS A 191 14.26 -6.37 5.25
CA HIS A 191 13.26 -6.40 6.30
C HIS A 191 11.99 -7.16 5.91
N TRP A 192 11.77 -7.36 4.60
CA TRP A 192 10.39 -7.72 4.17
C TRP A 192 10.23 -9.07 3.55
N GLY A 193 11.21 -9.97 3.73
CA GLY A 193 11.16 -11.28 3.11
C GLY A 193 10.77 -11.24 1.64
N ASP A 194 9.70 -11.94 1.34
CA ASP A 194 9.20 -12.04 -0.03
C ASP A 194 8.26 -10.89 -0.42
N ALA A 195 8.03 -9.95 0.48
CA ALA A 195 7.19 -8.75 0.13
C ALA A 195 8.15 -7.62 -0.38
N ASN A 196 7.62 -6.72 -1.22
CA ASN A 196 8.42 -5.73 -1.92
C ASN A 196 7.69 -4.38 -1.83
N PRO A 197 8.25 -3.43 -1.07
CA PRO A 197 7.52 -2.15 -0.94
C PRO A 197 7.58 -1.29 -2.22
N PRO A 198 6.44 -0.97 -2.82
CA PRO A 198 6.57 -0.45 -4.19
C PRO A 198 7.06 1.00 -4.14
N ILE A 199 7.16 1.58 -2.92
CA ILE A 199 7.61 2.99 -2.78
C ILE A 199 9.08 3.08 -2.33
N ALA A 200 9.71 1.92 -2.08
CA ALA A 200 11.12 1.95 -1.69
C ALA A 200 11.96 2.55 -2.83
N ASP A 201 13.12 3.13 -2.49
CA ASP A 201 13.99 3.69 -3.53
C ASP A 201 14.30 2.69 -4.67
N SER A 202 14.52 1.42 -4.29
CA SER A 202 14.88 0.39 -5.29
C SER A 202 13.71 -0.07 -6.17
N LEU A 203 12.48 0.34 -5.84
CA LEU A 203 11.30 -0.11 -6.57
C LEU A 203 10.44 1.03 -7.14
N ILE A 204 10.63 2.25 -6.65
CA ILE A 204 9.76 3.37 -7.13
C ILE A 204 9.81 3.49 -8.68
N GLY A 205 11.00 3.33 -9.29
CA GLY A 205 11.12 3.51 -10.75
C GLY A 205 10.30 2.49 -11.51
N SER A 206 10.37 1.23 -11.04
CA SER A 206 9.62 0.18 -11.70
C SER A 206 8.12 0.20 -11.37
N SER A 207 7.72 0.75 -10.22
CA SER A 207 6.29 0.98 -9.97
C SER A 207 5.71 1.96 -10.98
N LEU A 208 6.45 3.03 -11.21
CA LEU A 208 6.03 4.07 -12.17
C LEU A 208 5.94 3.50 -13.59
N SER A 209 7.00 2.84 -14.04
CA SER A 209 7.04 2.36 -15.46
C SER A 209 6.05 1.19 -15.59
N GLY A 210 5.91 0.41 -14.51
CA GLY A 210 5.03 -0.71 -14.47
C GLY A 210 3.55 -0.37 -14.45
N ALA A 211 3.22 0.70 -13.73
CA ALA A 211 1.85 1.16 -13.64
C ALA A 211 1.44 1.98 -14.87
N TRP A 212 2.39 2.52 -15.62
CA TRP A 212 2.05 3.36 -16.81
C TRP A 212 1.06 2.69 -17.79
N MET A 213 0.07 3.44 -18.27
CA MET A 213 -0.97 2.84 -19.12
C MET A 213 -1.26 3.69 -20.38
N TRP A 214 -0.30 4.53 -20.77
CA TRP A 214 -0.46 5.38 -21.97
C TRP A 214 0.58 5.08 -23.04
ZN ZN B . 7.80 -16.41 1.29
NA NA C . -18.81 8.63 -0.46
#